data_8VBP
#
_entry.id   8VBP
#
_cell.length_a   66.607
_cell.length_b   70.283
_cell.length_c   111.459
_cell.angle_alpha   90.000
_cell.angle_beta   90.000
_cell.angle_gamma   90.000
#
_symmetry.space_group_name_H-M   'P 21 21 21'
#
loop_
_entity.id
_entity.type
_entity.pdbx_description
1 polymer 'Bovine Fab Bess4 light chain'
2 polymer 'Bovine Fab Bess4 heavy chain'
#
loop_
_entity_poly.entity_id
_entity_poly.type
_entity_poly.pdbx_seq_one_letter_code
_entity_poly.pdbx_strand_id
1 'polypeptide(L)'
;QAVLNQPSSVSGSLGQRVSITCSGSSSNVGNGYVSWYQLIPGSAPRTLIYGDTSRASGVPDRFSGSRSGNTATLTISSLQ
AEDEADYFCASAEDSSSNAVFGSGTTLTVLGQPKAAPSVTLFPPSSEELQANKATLVCLISDFYPGAVTVAWKADSSPVK
AGVETTTPSKQSNNKYAASSYLSLTPEQWKSHRSYSCQVTHEGSTVEKTVAPTECS
;
L
2 'polypeptide(L)'
;KVQLRESGPSLVKPSQTLSLTCTASGLTLSDKAVGWVRQAPGKALEWLGSIDTSGNTGYNPGLKSRLTITKDSSKSQVSL
SVSSVTTEDSATYYCTTVHQQTRNKVKSCPSGEDCGIGCCYHGCSATDYGCWDGSSYAPYSYTYTYELHVDTWGQGLLVT
VSSASTKGPSVFPLAPSSKSTSGGTAALGCLVKDYFPEPVTVSWNSCALTSGVHTFPAVLQSSGLYSLSSVVTVPSSSLG
TQTYICNVNHKPSNTKVDKRVEPKSCD
;
H
#
# COMPACT_ATOMS: atom_id res chain seq x y z
N ALA A 2 -8.76 6.33 -23.53
CA ALA A 2 -8.99 4.90 -23.68
C ALA A 2 -8.29 4.13 -22.57
N VAL A 3 -8.50 2.81 -22.56
CA VAL A 3 -7.84 1.90 -21.62
C VAL A 3 -7.45 0.65 -22.38
N LEU A 4 -6.21 0.19 -22.16
CA LEU A 4 -5.73 -1.03 -22.80
C LEU A 4 -6.20 -2.26 -22.03
N ASN A 5 -6.62 -3.28 -22.76
CA ASN A 5 -7.22 -4.46 -22.16
C ASN A 5 -6.14 -5.40 -21.65
N GLN A 6 -6.19 -5.74 -20.37
CA GLN A 6 -5.30 -6.68 -19.71
C GLN A 6 -6.11 -7.72 -18.97
N PRO A 7 -5.62 -8.96 -18.86
CA PRO A 7 -6.28 -9.95 -18.00
C PRO A 7 -6.24 -9.53 -16.54
N SER A 8 -7.37 -9.75 -15.85
CA SER A 8 -7.51 -9.25 -14.49
C SER A 8 -6.45 -9.80 -13.57
N SER A 9 -6.11 -11.09 -13.72
CA SER A 9 -5.12 -11.72 -12.86
C SER A 9 -4.61 -12.99 -13.54
N VAL A 10 -3.31 -13.26 -13.38
CA VAL A 10 -2.68 -14.48 -13.89
C VAL A 10 -1.86 -15.08 -12.76
N SER A 11 -1.61 -16.39 -12.89
CA SER A 11 -0.94 -17.15 -11.85
C SER A 11 0.14 -18.04 -12.46
N GLY A 12 1.20 -18.24 -11.68
CA GLY A 12 2.29 -19.08 -12.10
C GLY A 12 2.98 -19.69 -10.91
N SER A 13 3.65 -20.81 -11.14
CA SER A 13 4.35 -21.53 -10.09
C SER A 13 5.78 -21.02 -9.98
N LEU A 14 6.37 -21.21 -8.79
CA LEU A 14 7.75 -20.79 -8.57
C LEU A 14 8.68 -21.46 -9.56
N GLY A 15 9.57 -20.66 -10.15
CA GLY A 15 10.53 -21.16 -11.11
C GLY A 15 10.02 -21.32 -12.53
N GLN A 16 8.73 -21.08 -12.77
CA GLN A 16 8.17 -21.21 -14.10
C GLN A 16 8.16 -19.84 -14.79
N ARG A 17 7.46 -19.76 -15.92
CA ARG A 17 7.31 -18.50 -16.63
C ARG A 17 5.84 -18.23 -16.90
N VAL A 18 5.47 -16.96 -16.88
CA VAL A 18 4.10 -16.53 -17.14
C VAL A 18 4.17 -15.28 -18.02
N SER A 19 3.14 -15.09 -18.84
CA SER A 19 3.07 -13.97 -19.76
C SER A 19 1.80 -13.17 -19.54
N ILE A 20 1.91 -11.85 -19.65
CA ILE A 20 0.78 -10.95 -19.47
C ILE A 20 0.56 -10.20 -20.79
N THR A 21 -0.62 -10.33 -21.35
CA THR A 21 -0.96 -9.72 -22.63
C THR A 21 -1.54 -8.33 -22.43
N CYS A 22 -1.28 -7.44 -23.39
CA CYS A 22 -1.68 -6.04 -23.33
C CYS A 22 -2.31 -5.69 -24.68
N SER A 23 -3.63 -5.85 -24.77
CA SER A 23 -4.34 -5.60 -26.01
C SER A 23 -4.72 -4.13 -26.14
N GLY A 24 -4.74 -3.66 -27.38
CA GLY A 24 -5.13 -2.28 -27.66
C GLY A 24 -5.66 -2.11 -29.07
N SER A 25 -5.88 -0.87 -29.48
CA SER A 25 -6.36 -0.56 -30.83
C SER A 25 -5.18 -0.20 -31.72
N SER A 26 -5.46 0.28 -32.92
CA SER A 26 -4.44 0.62 -33.89
C SER A 26 -3.86 2.02 -33.70
N SER A 27 -4.35 2.77 -32.72
CA SER A 27 -3.86 4.12 -32.45
C SER A 27 -2.91 4.19 -31.28
N ASN A 28 -3.17 3.44 -30.21
CA ASN A 28 -2.29 3.44 -29.04
C ASN A 28 -1.18 2.40 -29.20
N VAL A 29 -1.54 1.11 -29.09
CA VAL A 29 -0.54 0.06 -29.25
C VAL A 29 -0.17 -0.15 -30.72
N GLY A 30 -0.98 0.37 -31.65
CA GLY A 30 -0.66 0.22 -33.06
C GLY A 30 0.67 0.86 -33.43
N ASN A 31 0.86 2.13 -33.05
CA ASN A 31 2.15 2.78 -33.24
C ASN A 31 3.25 2.02 -32.54
N GLY A 32 2.97 1.52 -31.33
CA GLY A 32 3.79 0.48 -30.73
C GLY A 32 5.07 0.90 -30.04
N TYR A 33 4.95 1.49 -28.84
CA TYR A 33 6.09 1.61 -27.93
C TYR A 33 5.52 1.49 -26.51
N VAL A 34 5.21 0.25 -26.13
CA VAL A 34 4.54 -0.04 -24.87
C VAL A 34 5.55 -0.07 -23.73
N SER A 35 5.12 0.40 -22.57
CA SER A 35 5.92 0.40 -21.36
C SER A 35 5.24 -0.47 -20.30
N TRP A 36 6.04 -1.00 -19.38
CA TRP A 36 5.54 -1.88 -18.34
C TRP A 36 5.99 -1.39 -16.96
N TYR A 37 5.07 -1.40 -16.02
CA TYR A 37 5.32 -0.90 -14.68
C TYR A 37 4.84 -1.90 -13.64
N GLN A 38 5.56 -1.96 -12.53
CA GLN A 38 5.28 -2.90 -11.46
C GLN A 38 4.92 -2.14 -10.20
N LEU A 39 3.77 -2.48 -9.61
CA LEU A 39 3.28 -1.84 -8.40
C LEU A 39 3.23 -2.89 -7.29
N ILE A 40 4.21 -2.87 -6.40
CA ILE A 40 4.17 -3.64 -5.17
C ILE A 40 3.45 -2.79 -4.13
N PRO A 41 2.44 -3.31 -3.45
CA PRO A 41 1.76 -2.52 -2.40
C PRO A 41 2.76 -2.09 -1.33
N GLY A 42 2.73 -0.80 -1.01
CA GLY A 42 3.67 -0.22 -0.07
C GLY A 42 4.95 0.29 -0.69
N SER A 43 5.02 0.42 -2.01
CA SER A 43 6.21 0.90 -2.68
C SER A 43 5.79 1.70 -3.91
N ALA A 44 6.68 2.61 -4.32
CA ALA A 44 6.40 3.42 -5.50
C ALA A 44 6.53 2.57 -6.77
N PRO A 45 5.72 2.85 -7.78
CA PRO A 45 5.77 2.05 -9.02
C PRO A 45 7.16 2.04 -9.63
N ARG A 46 7.49 0.90 -10.25
CA ARG A 46 8.82 0.62 -10.76
C ARG A 46 8.73 0.32 -12.24
N THR A 47 9.47 1.09 -13.04
CA THR A 47 9.49 0.88 -14.48
C THR A 47 10.28 -0.39 -14.81
N LEU A 48 9.65 -1.30 -15.53
CA LEU A 48 10.29 -2.55 -15.95
C LEU A 48 10.77 -2.49 -17.40
N ILE A 49 9.86 -2.30 -18.34
CA ILE A 49 10.14 -2.35 -19.76
C ILE A 49 9.71 -1.04 -20.41
N TYR A 50 10.47 -0.60 -21.40
CA TYR A 50 10.08 0.54 -22.22
C TYR A 50 10.54 0.28 -23.65
N GLY A 51 9.89 0.97 -24.58
CA GLY A 51 10.20 0.77 -25.98
C GLY A 51 9.97 -0.65 -26.43
N ASP A 52 8.92 -1.30 -25.90
CA ASP A 52 8.53 -2.67 -26.21
C ASP A 52 9.50 -3.70 -25.62
N THR A 53 10.80 -3.52 -25.87
CA THR A 53 11.78 -4.57 -25.58
C THR A 53 12.86 -4.19 -24.59
N SER A 54 13.19 -2.90 -24.46
CA SER A 54 14.30 -2.50 -23.61
C SER A 54 13.94 -2.64 -22.14
N ARG A 55 14.88 -3.17 -21.36
CA ARG A 55 14.70 -3.31 -19.92
C ARG A 55 15.21 -2.06 -19.21
N ALA A 56 14.47 -1.63 -18.19
CA ALA A 56 14.82 -0.42 -17.48
C ALA A 56 16.02 -0.67 -16.57
N SER A 57 16.45 0.40 -15.88
CA SER A 57 17.64 0.34 -15.04
C SER A 57 17.42 -0.60 -13.85
N GLY A 58 18.27 -1.61 -13.75
CA GLY A 58 18.20 -2.55 -12.64
C GLY A 58 17.27 -3.74 -12.84
N VAL A 59 16.54 -3.79 -13.95
CA VAL A 59 15.59 -4.87 -14.19
C VAL A 59 16.35 -6.12 -14.61
N PRO A 60 16.24 -7.22 -13.87
CA PRO A 60 16.95 -8.44 -14.25
C PRO A 60 16.49 -8.97 -15.60
N ASP A 61 17.38 -9.75 -16.24
CA ASP A 61 17.12 -10.24 -17.59
C ASP A 61 15.96 -11.21 -17.67
N ARG A 62 15.42 -11.66 -16.54
CA ARG A 62 14.26 -12.54 -16.57
C ARG A 62 12.96 -11.80 -16.87
N PHE A 63 13.00 -10.47 -16.97
CA PHE A 63 11.88 -9.68 -17.45
C PHE A 63 12.13 -9.34 -18.92
N SER A 64 11.24 -9.80 -19.80
CA SER A 64 11.38 -9.56 -21.23
C SER A 64 10.10 -8.92 -21.75
N GLY A 65 10.23 -8.27 -22.91
CA GLY A 65 9.09 -7.64 -23.55
C GLY A 65 9.04 -7.97 -25.02
N SER A 66 7.81 -8.00 -25.55
CA SER A 66 7.59 -8.30 -26.96
C SER A 66 6.25 -7.70 -27.36
N ARG A 67 6.12 -7.42 -28.67
CA ARG A 67 4.89 -6.86 -29.22
C ARG A 67 4.55 -7.60 -30.51
N SER A 68 3.26 -7.68 -30.79
CA SER A 68 2.77 -8.31 -32.02
C SER A 68 1.52 -7.55 -32.44
N GLY A 69 1.67 -6.64 -33.41
CA GLY A 69 0.56 -5.89 -33.93
C GLY A 69 -0.09 -4.96 -32.91
N ASN A 70 -1.28 -5.34 -32.42
CA ASN A 70 -2.01 -4.54 -31.45
C ASN A 70 -2.02 -5.21 -30.07
N THR A 71 -0.96 -5.93 -29.73
CA THR A 71 -0.90 -6.64 -28.46
C THR A 71 0.55 -6.79 -28.03
N ALA A 72 0.89 -6.20 -26.88
CA ALA A 72 2.20 -6.32 -26.28
C ALA A 72 2.18 -7.38 -25.18
N THR A 73 3.36 -7.94 -24.88
CA THR A 73 3.47 -9.05 -23.96
C THR A 73 4.65 -8.84 -23.02
N LEU A 74 4.40 -8.99 -21.72
CA LEU A 74 5.43 -8.95 -20.70
C LEU A 74 5.62 -10.37 -20.16
N THR A 75 6.81 -10.92 -20.33
CA THR A 75 7.10 -12.30 -19.93
C THR A 75 8.07 -12.30 -18.76
N ILE A 76 7.70 -12.98 -17.68
CA ILE A 76 8.54 -13.16 -16.50
C ILE A 76 8.87 -14.64 -16.38
N SER A 77 10.15 -14.95 -16.51
CA SER A 77 10.63 -16.33 -16.38
C SER A 77 11.30 -16.51 -15.03
N SER A 78 11.27 -17.76 -14.54
CA SER A 78 11.80 -18.12 -13.22
C SER A 78 11.13 -17.29 -12.12
N LEU A 79 9.82 -17.51 -11.97
CA LEU A 79 9.02 -16.74 -11.04
C LEU A 79 9.51 -16.92 -9.62
N GLN A 80 9.74 -15.80 -8.93
CA GLN A 80 10.06 -15.79 -7.51
C GLN A 80 8.90 -15.16 -6.75
N ALA A 81 8.83 -15.46 -5.45
CA ALA A 81 7.74 -14.93 -4.63
C ALA A 81 7.74 -13.41 -4.61
N GLU A 82 8.91 -12.79 -4.82
CA GLU A 82 8.99 -11.33 -4.87
C GLU A 82 8.27 -10.75 -6.08
N ASP A 83 7.96 -11.56 -7.09
CA ASP A 83 7.32 -11.06 -8.29
C ASP A 83 5.81 -10.89 -8.15
N GLU A 84 5.24 -11.18 -6.98
CA GLU A 84 3.81 -10.97 -6.76
C GLU A 84 3.54 -9.47 -6.63
N ALA A 85 2.89 -8.90 -7.63
CA ALA A 85 2.60 -7.46 -7.65
C ALA A 85 1.55 -7.21 -8.72
N ASP A 86 1.16 -5.95 -8.85
CA ASP A 86 0.27 -5.52 -9.92
C ASP A 86 1.10 -5.01 -11.09
N TYR A 87 0.70 -5.37 -12.30
CA TYR A 87 1.42 -5.01 -13.51
C TYR A 87 0.49 -4.23 -14.43
N PHE A 88 0.99 -3.13 -14.97
CA PHE A 88 0.26 -2.28 -15.89
C PHE A 88 1.11 -2.02 -17.11
N CYS A 89 0.50 -2.10 -18.29
CA CYS A 89 1.15 -1.62 -19.49
C CYS A 89 0.67 -0.21 -19.80
N ALA A 90 1.44 0.49 -20.63
CA ALA A 90 1.13 1.87 -20.98
C ALA A 90 1.71 2.17 -22.35
N SER A 91 0.97 2.95 -23.14
CA SER A 91 1.40 3.33 -24.48
C SER A 91 0.98 4.77 -24.76
N ALA A 92 1.75 5.44 -25.61
CA ALA A 92 1.43 6.80 -26.03
C ALA A 92 0.39 6.76 -27.14
N GLU A 93 -0.71 7.49 -26.94
CA GLU A 93 -1.81 7.53 -27.90
C GLU A 93 -1.47 8.53 -29.01
N ASP A 94 -0.60 8.08 -29.91
CA ASP A 94 -0.25 8.81 -31.14
C ASP A 94 0.48 10.12 -30.86
N SER A 95 -0.25 11.13 -30.34
CA SER A 95 0.27 12.49 -30.25
C SER A 95 1.36 12.67 -29.20
N SER A 96 1.74 11.60 -28.47
CA SER A 96 2.82 11.66 -27.48
C SER A 96 2.57 12.70 -26.40
N SER A 97 1.30 12.94 -26.07
CA SER A 97 0.95 13.84 -24.98
C SER A 97 -0.23 13.35 -24.16
N ASN A 98 -0.75 12.16 -24.43
CA ASN A 98 -1.89 11.59 -23.70
C ASN A 98 -1.62 10.09 -23.52
N ALA A 99 -0.98 9.75 -22.40
CA ALA A 99 -0.65 8.36 -22.12
C ALA A 99 -1.91 7.58 -21.73
N VAL A 100 -1.87 6.28 -22.01
CA VAL A 100 -2.96 5.37 -21.68
C VAL A 100 -2.38 4.19 -20.91
N PHE A 101 -2.98 3.87 -19.78
CA PHE A 101 -2.58 2.73 -18.98
C PHE A 101 -3.55 1.56 -19.17
N GLY A 102 -3.06 0.36 -18.91
CA GLY A 102 -3.90 -0.82 -18.99
C GLY A 102 -4.78 -0.97 -17.77
N SER A 103 -5.69 -1.94 -17.84
CA SER A 103 -6.60 -2.19 -16.74
C SER A 103 -5.90 -2.77 -15.51
N GLY A 104 -4.70 -3.30 -15.68
CA GLY A 104 -3.96 -3.86 -14.56
C GLY A 104 -4.08 -5.37 -14.48
N THR A 105 -3.00 -6.01 -14.02
CA THR A 105 -2.95 -7.46 -13.87
C THR A 105 -2.27 -7.79 -12.56
N THR A 106 -2.97 -8.53 -11.69
CA THR A 106 -2.40 -8.98 -10.42
C THR A 106 -1.77 -10.36 -10.63
N LEU A 107 -0.46 -10.44 -10.42
CA LEU A 107 0.29 -11.69 -10.58
C LEU A 107 0.47 -12.35 -9.22
N THR A 108 -0.06 -13.56 -9.08
CA THR A 108 0.08 -14.36 -7.86
C THR A 108 0.95 -15.57 -8.17
N VAL A 109 1.91 -15.84 -7.29
CA VAL A 109 2.90 -16.90 -7.48
C VAL A 109 2.50 -18.09 -6.63
N LEU A 110 2.13 -19.18 -7.27
CA LEU A 110 1.71 -20.40 -6.59
C LEU A 110 2.91 -21.31 -6.34
N GLY A 111 2.68 -22.36 -5.56
CA GLY A 111 3.73 -23.32 -5.24
C GLY A 111 4.52 -23.03 -4.00
N GLN A 112 4.08 -22.08 -3.17
CA GLN A 112 4.78 -21.83 -1.92
C GLN A 112 4.40 -22.88 -0.88
N PRO A 113 5.31 -23.19 0.04
CA PRO A 113 5.00 -24.18 1.07
C PRO A 113 3.84 -23.73 1.95
N LYS A 114 2.94 -24.67 2.25
CA LYS A 114 1.83 -24.39 3.14
C LYS A 114 2.33 -24.08 4.54
N ALA A 115 1.60 -23.21 5.24
CA ALA A 115 1.97 -22.82 6.59
C ALA A 115 0.71 -22.62 7.41
N ALA A 116 0.69 -23.20 8.61
CA ALA A 116 -0.42 -22.99 9.52
C ALA A 116 -0.28 -21.64 10.23
N PRO A 117 -1.39 -20.99 10.55
CA PRO A 117 -1.31 -19.66 11.17
C PRO A 117 -0.95 -19.76 12.65
N SER A 118 -0.11 -18.83 13.09
CA SER A 118 0.11 -18.59 14.51
C SER A 118 -0.68 -17.35 14.90
N VAL A 119 -1.37 -17.43 16.04
CA VAL A 119 -2.34 -16.42 16.46
C VAL A 119 -1.91 -15.87 17.81
N THR A 120 -1.92 -14.54 17.93
CA THR A 120 -1.69 -13.85 19.19
C THR A 120 -2.92 -13.02 19.50
N LEU A 121 -3.43 -13.14 20.73
CA LEU A 121 -4.61 -12.41 21.17
C LEU A 121 -4.21 -11.48 22.30
N PHE A 122 -4.25 -10.18 22.03
CA PHE A 122 -3.89 -9.22 23.07
C PHE A 122 -5.15 -8.71 23.76
N PRO A 123 -5.20 -8.74 25.09
CA PRO A 123 -6.28 -8.07 25.81
C PRO A 123 -6.10 -6.56 25.72
N PRO A 124 -7.16 -5.79 25.98
CA PRO A 124 -6.97 -4.34 26.07
C PRO A 124 -6.01 -3.98 27.20
N SER A 125 -5.24 -2.92 26.99
CA SER A 125 -4.20 -2.52 27.93
C SER A 125 -4.77 -1.65 29.05
N SER A 126 -3.91 -1.37 30.03
CA SER A 126 -4.30 -0.49 31.13
C SER A 126 -4.63 0.91 30.61
N GLU A 127 -3.82 1.43 29.69
CA GLU A 127 -4.06 2.77 29.14
C GLU A 127 -5.45 2.86 28.53
N GLU A 128 -5.80 1.91 27.67
CA GLU A 128 -7.08 1.99 26.98
C GLU A 128 -8.25 1.77 27.94
N LEU A 129 -8.12 0.83 28.87
CA LEU A 129 -9.19 0.60 29.84
C LEU A 129 -9.42 1.81 30.72
N GLN A 130 -8.37 2.57 31.01
CA GLN A 130 -8.52 3.81 31.77
C GLN A 130 -9.01 4.97 30.90
N ALA A 131 -9.28 4.73 29.63
CA ALA A 131 -9.87 5.72 28.74
C ALA A 131 -11.29 5.34 28.32
N ASN A 132 -11.97 4.52 29.11
CA ASN A 132 -13.33 4.05 28.83
C ASN A 132 -13.43 3.36 27.48
N LYS A 133 -12.36 2.69 27.05
CA LYS A 133 -12.36 1.98 25.78
C LYS A 133 -11.72 0.62 25.99
N ALA A 134 -12.12 -0.34 25.15
CA ALA A 134 -11.58 -1.69 25.24
C ALA A 134 -11.57 -2.30 23.84
N THR A 135 -10.39 -2.70 23.37
CA THR A 135 -10.24 -3.32 22.07
C THR A 135 -9.38 -4.57 22.20
N LEU A 136 -9.91 -5.70 21.74
CA LEU A 136 -9.17 -6.96 21.66
C LEU A 136 -8.55 -7.09 20.27
N VAL A 137 -7.26 -7.34 20.22
CA VAL A 137 -6.51 -7.38 18.97
C VAL A 137 -6.05 -8.81 18.73
N CYS A 138 -6.49 -9.40 17.62
CA CYS A 138 -6.14 -10.76 17.22
C CYS A 138 -5.27 -10.69 15.97
N LEU A 139 -3.97 -10.95 16.14
CA LEU A 139 -3.01 -10.89 15.05
C LEU A 139 -2.68 -12.30 14.56
N ILE A 140 -2.82 -12.50 13.25
CA ILE A 140 -2.62 -13.79 12.62
C ILE A 140 -1.49 -13.64 11.61
N SER A 141 -0.47 -14.51 11.70
CA SER A 141 0.72 -14.35 10.89
C SER A 141 1.32 -15.69 10.49
N ASP A 142 2.12 -15.65 9.42
CA ASP A 142 2.93 -16.79 8.96
C ASP A 142 2.07 -17.96 8.48
N PHE A 143 1.06 -17.65 7.66
CA PHE A 143 0.23 -18.70 7.09
C PHE A 143 0.20 -18.58 5.58
N TYR A 144 -0.15 -19.69 4.92
CA TYR A 144 -0.27 -19.76 3.48
C TYR A 144 -1.09 -20.98 3.12
N PRO A 145 -2.04 -20.89 2.17
CA PRO A 145 -2.42 -19.67 1.43
C PRO A 145 -3.17 -18.64 2.28
N GLY A 146 -3.40 -17.46 1.72
CA GLY A 146 -4.04 -16.38 2.45
C GLY A 146 -5.55 -16.41 2.41
N ALA A 147 -6.14 -17.51 2.90
CA ALA A 147 -7.60 -17.65 2.95
C ALA A 147 -7.95 -18.16 4.35
N VAL A 148 -8.31 -17.24 5.25
CA VAL A 148 -8.65 -17.58 6.61
C VAL A 148 -10.02 -17.00 6.93
N THR A 149 -10.60 -17.49 8.01
CA THR A 149 -11.82 -16.92 8.58
C THR A 149 -11.59 -16.69 10.06
N VAL A 150 -12.17 -15.63 10.59
CA VAL A 150 -12.00 -15.24 11.99
C VAL A 150 -13.36 -15.15 12.65
N ALA A 151 -13.47 -15.71 13.85
CA ALA A 151 -14.70 -15.69 14.62
C ALA A 151 -14.36 -15.39 16.08
N TRP A 152 -15.19 -14.59 16.73
CA TRP A 152 -14.99 -14.22 18.12
C TRP A 152 -16.05 -14.87 18.99
N LYS A 153 -15.66 -15.20 20.22
CA LYS A 153 -16.55 -15.81 21.20
C LYS A 153 -16.44 -15.06 22.52
N ALA A 154 -17.54 -15.05 23.26
CA ALA A 154 -17.57 -14.52 24.63
C ALA A 154 -18.23 -15.58 25.51
N ASP A 155 -17.43 -16.25 26.33
CA ASP A 155 -17.88 -17.40 27.12
C ASP A 155 -18.47 -18.48 26.21
N SER A 156 -17.75 -18.76 25.13
CA SER A 156 -18.12 -19.79 24.14
C SER A 156 -19.44 -19.49 23.45
N SER A 157 -19.87 -18.23 23.42
CA SER A 157 -21.06 -17.84 22.69
C SER A 157 -20.67 -16.88 21.57
N PRO A 158 -21.19 -17.09 20.35
CA PRO A 158 -20.70 -16.32 19.21
C PRO A 158 -20.91 -14.82 19.39
N VAL A 159 -19.97 -14.03 18.87
CA VAL A 159 -20.03 -12.58 18.88
C VAL A 159 -19.88 -12.09 17.45
N LYS A 160 -20.85 -11.29 16.99
CA LYS A 160 -20.84 -10.77 15.64
C LYS A 160 -20.73 -9.24 15.57
N ALA A 161 -21.09 -8.54 16.64
CA ALA A 161 -21.10 -7.08 16.64
C ALA A 161 -19.81 -6.54 17.25
N GLY A 162 -19.26 -5.51 16.60
CA GLY A 162 -18.03 -4.90 17.06
C GLY A 162 -16.76 -5.53 16.55
N VAL A 163 -16.82 -6.24 15.42
CA VAL A 163 -15.67 -6.97 14.88
C VAL A 163 -15.26 -6.33 13.56
N GLU A 164 -13.97 -6.05 13.42
CA GLU A 164 -13.41 -5.53 12.18
C GLU A 164 -12.16 -6.34 11.84
N THR A 165 -12.06 -6.81 10.61
CA THR A 165 -11.00 -7.73 10.19
C THR A 165 -10.41 -7.27 8.87
N THR A 166 -9.09 -7.25 8.78
CA THR A 166 -8.40 -6.92 7.55
C THR A 166 -8.29 -8.14 6.64
N THR A 167 -8.14 -7.87 5.36
CA THR A 167 -7.85 -8.90 4.36
C THR A 167 -6.39 -9.33 4.45
N PRO A 168 -6.10 -10.61 4.30
CA PRO A 168 -4.71 -11.07 4.38
C PRO A 168 -3.79 -10.31 3.43
N SER A 169 -2.58 -10.02 3.91
CA SER A 169 -1.60 -9.27 3.15
C SER A 169 -0.23 -9.91 3.33
N LYS A 170 0.59 -9.82 2.29
CA LYS A 170 1.93 -10.39 2.32
C LYS A 170 2.82 -9.66 3.32
N GLN A 171 3.73 -10.41 3.94
CA GLN A 171 4.69 -9.84 4.87
C GLN A 171 6.11 -10.04 4.32
N SER A 172 7.10 -9.85 5.20
CA SER A 172 8.50 -9.86 4.78
C SER A 172 8.88 -11.17 4.10
N ASN A 173 8.62 -12.30 4.77
CA ASN A 173 8.99 -13.61 4.26
C ASN A 173 8.01 -14.17 3.23
N ASN A 174 7.24 -13.30 2.57
CA ASN A 174 6.27 -13.66 1.53
C ASN A 174 5.19 -14.60 2.05
N LYS A 175 4.94 -14.64 3.35
CA LYS A 175 3.78 -15.31 3.91
C LYS A 175 2.71 -14.27 4.24
N TYR A 176 1.52 -14.77 4.57
CA TYR A 176 0.37 -13.88 4.75
C TYR A 176 0.14 -13.60 6.23
N ALA A 177 -0.51 -12.46 6.48
CA ALA A 177 -0.90 -12.06 7.81
C ALA A 177 -2.21 -11.31 7.74
N ALA A 178 -3.03 -11.48 8.77
CA ALA A 178 -4.29 -10.76 8.90
C ALA A 178 -4.46 -10.32 10.34
N SER A 179 -5.38 -9.39 10.55
CA SER A 179 -5.67 -8.88 11.88
C SER A 179 -7.18 -8.75 12.03
N SER A 180 -7.65 -8.95 13.26
CA SER A 180 -9.05 -8.77 13.58
C SER A 180 -9.13 -8.06 14.93
N TYR A 181 -10.18 -7.25 15.09
CA TYR A 181 -10.37 -6.46 16.30
C TYR A 181 -11.79 -6.63 16.82
N LEU A 182 -11.94 -6.53 18.14
CA LEU A 182 -13.23 -6.57 18.80
C LEU A 182 -13.33 -5.38 19.72
N SER A 183 -14.20 -4.42 19.39
CA SER A 183 -14.35 -3.20 20.18
C SER A 183 -15.42 -3.40 21.24
N LEU A 184 -15.04 -3.19 22.50
CA LEU A 184 -15.93 -3.37 23.63
C LEU A 184 -15.93 -2.11 24.50
N THR A 185 -16.84 -2.09 25.43
CA THR A 185 -16.79 -1.15 26.54
C THR A 185 -16.12 -1.83 27.73
N PRO A 186 -15.44 -1.08 28.60
CA PRO A 186 -14.80 -1.71 29.76
C PRO A 186 -15.77 -2.51 30.61
N GLU A 187 -17.06 -2.14 30.63
CA GLU A 187 -18.05 -2.94 31.36
C GLU A 187 -18.24 -4.30 30.71
N GLN A 188 -18.39 -4.32 29.38
CA GLN A 188 -18.49 -5.60 28.67
C GLN A 188 -17.26 -6.46 28.88
N TRP A 189 -16.07 -5.85 28.75
CA TRP A 189 -14.84 -6.61 28.93
C TRP A 189 -14.76 -7.22 30.32
N LYS A 190 -15.09 -6.45 31.35
CA LYS A 190 -15.09 -6.96 32.72
C LYS A 190 -16.26 -7.91 32.99
N SER A 191 -17.28 -7.92 32.12
CA SER A 191 -18.49 -8.69 32.39
C SER A 191 -18.29 -10.19 32.17
N HIS A 192 -17.71 -10.57 31.04
CA HIS A 192 -17.60 -11.98 30.70
C HIS A 192 -16.33 -12.58 31.32
N ARG A 193 -16.29 -13.91 31.34
CA ARG A 193 -15.19 -14.64 31.96
C ARG A 193 -14.03 -14.87 31.01
N SER A 194 -14.30 -14.96 29.70
CA SER A 194 -13.24 -15.12 28.72
C SER A 194 -13.70 -14.61 27.37
N TYR A 195 -12.73 -14.33 26.51
CA TYR A 195 -12.97 -13.96 25.13
C TYR A 195 -12.03 -14.76 24.24
N SER A 196 -12.50 -15.15 23.06
CA SER A 196 -11.75 -16.04 22.20
C SER A 196 -11.75 -15.52 20.77
N CYS A 197 -10.60 -15.63 20.12
CA CYS A 197 -10.45 -15.39 18.70
C CYS A 197 -10.21 -16.72 18.01
N GLN A 198 -11.11 -17.11 17.13
CA GLN A 198 -11.09 -18.42 16.48
C GLN A 198 -10.71 -18.24 15.01
N VAL A 199 -9.56 -18.77 14.62
CA VAL A 199 -9.05 -18.65 13.26
C VAL A 199 -9.08 -20.02 12.59
N THR A 200 -9.73 -20.11 11.44
CA THR A 200 -9.84 -21.34 10.68
C THR A 200 -9.05 -21.21 9.38
N HIS A 201 -8.18 -22.18 9.11
CA HIS A 201 -7.31 -22.14 7.95
C HIS A 201 -7.14 -23.56 7.43
N GLU A 202 -7.76 -23.85 6.28
CA GLU A 202 -7.61 -25.13 5.58
C GLU A 202 -8.19 -26.30 6.40
N GLY A 203 -9.40 -26.09 6.92
CA GLY A 203 -10.11 -27.11 7.64
C GLY A 203 -9.79 -27.20 9.13
N SER A 204 -8.60 -26.77 9.52
CA SER A 204 -8.19 -26.79 10.92
C SER A 204 -8.33 -25.41 11.54
N THR A 205 -8.41 -25.38 12.87
CA THR A 205 -8.77 -24.16 13.59
C THR A 205 -7.84 -23.94 14.78
N VAL A 206 -7.27 -22.74 14.88
CA VAL A 206 -6.49 -22.32 16.03
C VAL A 206 -7.29 -21.29 16.81
N GLU A 207 -7.39 -21.48 18.13
CA GLU A 207 -8.17 -20.61 18.99
C GLU A 207 -7.30 -20.09 20.13
N LYS A 208 -7.25 -18.77 20.26
CA LYS A 208 -6.61 -18.12 21.40
C LYS A 208 -7.66 -17.52 22.31
N THR A 209 -7.47 -17.69 23.62
CA THR A 209 -8.41 -17.21 24.62
C THR A 209 -7.70 -16.24 25.55
N VAL A 210 -8.38 -15.14 25.88
CA VAL A 210 -7.87 -14.20 26.87
C VAL A 210 -8.98 -13.97 27.89
N ALA A 211 -8.57 -13.70 29.13
CA ALA A 211 -9.52 -13.54 30.23
C ALA A 211 -9.23 -12.24 30.98
N PRO A 212 -10.29 -11.57 31.46
CA PRO A 212 -10.07 -10.35 32.25
C PRO A 212 -9.58 -10.62 33.65
N THR A 213 -9.82 -11.83 34.18
CA THR A 213 -9.50 -12.15 35.56
C THR A 213 -8.05 -11.79 35.89
N GLU A 214 -7.10 -12.44 35.23
CA GLU A 214 -5.68 -12.16 35.44
C GLU A 214 -4.94 -12.30 34.12
N CYS A 215 -3.88 -11.52 33.96
CA CYS A 215 -3.03 -11.59 32.78
C CYS A 215 -1.55 -11.44 33.14
N VAL B 2 17.87 10.64 -9.31
CA VAL B 2 16.76 11.59 -9.37
C VAL B 2 15.76 11.32 -8.27
N GLN B 3 15.40 12.38 -7.55
CA GLN B 3 14.44 12.32 -6.44
C GLN B 3 13.25 13.22 -6.75
N LEU B 4 12.05 12.70 -6.51
CA LEU B 4 10.82 13.46 -6.66
C LEU B 4 10.06 13.41 -5.34
N ARG B 5 9.58 14.55 -4.88
CA ARG B 5 8.85 14.64 -3.62
C ARG B 5 7.54 15.37 -3.85
N GLU B 6 6.43 14.68 -3.59
CA GLU B 6 5.12 15.32 -3.65
C GLU B 6 4.84 16.03 -2.33
N SER B 7 4.21 17.19 -2.42
CA SER B 7 3.75 17.90 -1.24
C SER B 7 2.35 18.44 -1.52
N GLY B 8 1.58 18.60 -0.46
CA GLY B 8 0.23 19.10 -0.56
C GLY B 8 -0.64 18.55 0.56
N PRO B 9 -1.91 18.91 0.55
CA PRO B 9 -2.82 18.38 1.57
C PRO B 9 -3.10 16.91 1.33
N SER B 10 -3.42 16.21 2.42
CA SER B 10 -3.91 14.84 2.33
C SER B 10 -5.41 14.74 2.56
N LEU B 11 -6.05 15.82 3.00
CA LEU B 11 -7.50 15.90 3.14
C LEU B 11 -7.98 17.18 2.49
N VAL B 12 -8.99 17.04 1.62
CA VAL B 12 -9.61 18.17 0.95
C VAL B 12 -11.13 17.98 1.03
N LYS B 13 -11.85 19.07 1.24
CA LYS B 13 -13.30 19.00 1.27
C LYS B 13 -13.87 18.96 -0.15
N PRO B 14 -15.01 18.30 -0.35
CA PRO B 14 -15.62 18.29 -1.69
C PRO B 14 -15.93 19.69 -2.17
N SER B 15 -15.78 19.88 -3.48
CA SER B 15 -15.98 21.12 -4.25
C SER B 15 -14.76 22.05 -4.18
N GLN B 16 -13.74 21.73 -3.39
CA GLN B 16 -12.57 22.58 -3.28
C GLN B 16 -11.54 22.22 -4.35
N THR B 17 -10.43 22.96 -4.36
CA THR B 17 -9.38 22.79 -5.35
C THR B 17 -8.17 22.10 -4.70
N LEU B 18 -7.77 20.97 -5.27
CA LEU B 18 -6.61 20.23 -4.79
C LEU B 18 -5.36 20.79 -5.47
N SER B 19 -4.41 21.24 -4.67
CA SER B 19 -3.16 21.80 -5.17
C SER B 19 -1.99 20.96 -4.68
N LEU B 20 -1.19 20.45 -5.61
CA LEU B 20 -0.05 19.61 -5.29
C LEU B 20 1.20 20.16 -5.95
N THR B 21 2.30 20.10 -5.22
CA THR B 21 3.60 20.54 -5.72
C THR B 21 4.55 19.36 -5.78
N CYS B 22 5.48 19.42 -6.72
CA CYS B 22 6.50 18.39 -6.88
C CYS B 22 7.86 19.06 -6.98
N THR B 23 8.77 18.70 -6.08
CA THR B 23 10.13 19.22 -6.08
C THR B 23 11.09 18.13 -6.49
N ALA B 24 11.89 18.40 -7.53
CA ALA B 24 12.81 17.43 -8.10
C ALA B 24 14.24 17.79 -7.70
N SER B 25 15.04 16.77 -7.40
CA SER B 25 16.46 16.93 -7.12
C SER B 25 17.24 15.95 -7.98
N GLY B 26 18.40 16.40 -8.46
CA GLY B 26 19.23 15.55 -9.30
C GLY B 26 18.69 15.31 -10.69
N LEU B 27 18.18 16.36 -11.34
CA LEU B 27 17.67 16.21 -12.71
C LEU B 27 18.81 15.88 -13.66
N THR B 28 18.56 14.95 -14.57
CA THR B 28 19.50 14.57 -15.60
C THR B 28 19.07 15.19 -16.94
N LEU B 29 19.85 14.91 -17.99
CA LEU B 29 19.54 15.48 -19.29
C LEU B 29 18.32 14.80 -19.92
N SER B 30 18.04 13.54 -19.56
CA SER B 30 16.92 12.83 -20.13
C SER B 30 15.58 13.24 -19.51
N ASP B 31 15.60 13.90 -18.35
CA ASP B 31 14.38 14.33 -17.67
C ASP B 31 13.84 15.57 -18.38
N LYS B 32 13.06 15.33 -19.44
CA LYS B 32 12.57 16.39 -20.30
C LYS B 32 11.12 16.77 -20.04
N ALA B 33 10.41 16.03 -19.19
CA ALA B 33 9.03 16.36 -18.87
C ALA B 33 8.67 15.71 -17.54
N VAL B 34 7.87 16.43 -16.75
CA VAL B 34 7.35 15.94 -15.48
C VAL B 34 5.85 15.73 -15.65
N GLY B 35 5.39 14.53 -15.32
CA GLY B 35 3.98 14.21 -15.45
C GLY B 35 3.34 13.80 -14.14
N TRP B 36 2.01 13.82 -14.09
CA TRP B 36 1.26 13.45 -12.90
C TRP B 36 0.38 12.24 -13.20
N VAL B 37 0.43 11.26 -12.30
CA VAL B 37 -0.38 10.05 -12.38
C VAL B 37 -1.02 9.82 -11.02
N ARG B 38 -2.27 9.37 -11.02
CA ARG B 38 -2.95 9.03 -9.78
C ARG B 38 -3.56 7.64 -9.90
N GLN B 39 -3.84 7.04 -8.74
CA GLN B 39 -4.45 5.71 -8.70
C GLN B 39 -5.48 5.70 -7.58
N ALA B 40 -6.75 5.75 -7.96
CA ALA B 40 -7.83 5.62 -6.99
C ALA B 40 -7.84 4.20 -6.42
N PRO B 41 -8.38 4.01 -5.21
CA PRO B 41 -8.40 2.67 -4.61
C PRO B 41 -9.26 1.71 -5.43
N GLY B 42 -8.66 0.58 -5.82
CA GLY B 42 -9.36 -0.42 -6.58
C GLY B 42 -9.42 -0.18 -8.08
N LYS B 43 -8.87 0.93 -8.57
CA LYS B 43 -8.90 1.25 -9.98
C LYS B 43 -7.48 1.24 -10.54
N ALA B 44 -7.39 1.26 -11.88
CA ALA B 44 -6.11 1.22 -12.55
C ALA B 44 -5.46 2.60 -12.53
N LEU B 45 -4.18 2.63 -12.92
CA LEU B 45 -3.48 3.90 -13.01
C LEU B 45 -4.15 4.81 -14.01
N GLU B 46 -4.18 6.10 -13.70
CA GLU B 46 -4.84 7.10 -14.53
C GLU B 46 -3.86 8.23 -14.80
N TRP B 47 -3.49 8.42 -16.06
CA TRP B 47 -2.68 9.56 -16.45
C TRP B 47 -3.47 10.85 -16.28
N LEU B 48 -2.81 11.87 -15.74
CA LEU B 48 -3.42 13.19 -15.57
C LEU B 48 -2.89 14.18 -16.60
N GLY B 49 -1.59 14.42 -16.61
CA GLY B 49 -1.01 15.34 -17.57
C GLY B 49 0.48 15.47 -17.32
N SER B 50 1.13 16.24 -18.20
CA SER B 50 2.56 16.46 -18.11
C SER B 50 2.91 17.84 -18.63
N ILE B 51 4.15 18.23 -18.40
CA ILE B 51 4.69 19.50 -18.88
C ILE B 51 6.18 19.30 -19.14
N ASP B 52 6.67 19.87 -20.24
CA ASP B 52 8.04 19.65 -20.66
C ASP B 52 8.91 20.88 -20.36
N THR B 53 10.17 20.81 -20.78
CA THR B 53 11.11 21.89 -20.49
C THR B 53 10.73 23.18 -21.21
N SER B 54 10.12 23.08 -22.39
CA SER B 54 9.72 24.26 -23.14
C SER B 54 8.43 24.88 -22.62
N GLY B 55 7.68 24.18 -21.76
CA GLY B 55 6.46 24.71 -21.19
C GLY B 55 5.19 24.13 -21.77
N ASN B 56 5.29 23.32 -22.82
CA ASN B 56 4.11 22.70 -23.40
C ASN B 56 3.45 21.77 -22.40
N THR B 57 2.13 21.87 -22.28
CA THR B 57 1.35 21.04 -21.37
C THR B 57 0.36 20.20 -22.18
N GLY B 58 0.36 18.90 -21.92
CA GLY B 58 -0.65 18.00 -22.44
C GLY B 58 -1.45 17.41 -21.31
N TYR B 59 -2.77 17.34 -21.48
CA TYR B 59 -3.67 16.87 -20.45
C TYR B 59 -4.45 15.65 -20.91
N ASN B 60 -4.86 14.84 -19.94
CA ASN B 60 -5.83 13.79 -20.18
C ASN B 60 -7.11 14.42 -20.71
N PRO B 61 -7.53 14.11 -21.94
CA PRO B 61 -8.68 14.82 -22.52
C PRO B 61 -9.96 14.66 -21.73
N GLY B 62 -10.11 13.56 -20.99
CA GLY B 62 -11.30 13.38 -20.18
C GLY B 62 -11.35 14.22 -18.92
N LEU B 63 -10.26 14.92 -18.59
CA LEU B 63 -10.18 15.69 -17.36
C LEU B 63 -9.58 17.08 -17.54
N LYS B 64 -9.27 17.48 -18.78
CA LYS B 64 -8.58 18.76 -18.99
C LYS B 64 -9.41 19.94 -18.51
N SER B 65 -10.74 19.80 -18.46
CA SER B 65 -11.58 20.89 -18.00
C SER B 65 -11.44 21.15 -16.50
N ARG B 66 -10.70 20.30 -15.77
CA ARG B 66 -10.52 20.48 -14.35
C ARG B 66 -9.05 20.46 -13.92
N LEU B 67 -8.11 20.34 -14.86
CA LEU B 67 -6.70 20.19 -14.55
C LEU B 67 -5.90 21.39 -15.03
N THR B 68 -4.87 21.73 -14.27
CA THR B 68 -3.91 22.75 -14.66
C THR B 68 -2.54 22.31 -14.15
N ILE B 69 -1.52 22.46 -14.99
CA ILE B 69 -0.17 22.07 -14.63
C ILE B 69 0.78 23.20 -15.04
N THR B 70 1.46 23.78 -14.06
CA THR B 70 2.49 24.79 -14.31
C THR B 70 3.80 24.35 -13.67
N LYS B 71 4.86 25.06 -14.02
CA LYS B 71 6.21 24.70 -13.57
C LYS B 71 6.97 25.96 -13.19
N ASP B 72 7.96 25.78 -12.32
CA ASP B 72 8.91 26.82 -11.94
C ASP B 72 10.30 26.20 -12.03
N SER B 73 10.90 26.27 -13.22
CA SER B 73 12.22 25.67 -13.44
C SER B 73 13.28 26.27 -12.52
N SER B 74 13.10 27.53 -12.09
CA SER B 74 14.07 28.16 -11.22
C SER B 74 14.13 27.44 -9.86
N LYS B 75 12.98 27.21 -9.24
CA LYS B 75 12.90 26.40 -8.03
C LYS B 75 12.83 24.91 -8.33
N SER B 76 12.81 24.53 -9.60
CA SER B 76 12.74 23.12 -10.01
C SER B 76 11.50 22.44 -9.42
N GLN B 77 10.34 23.05 -9.66
CA GLN B 77 9.07 22.59 -9.10
C GLN B 77 8.01 22.47 -10.19
N VAL B 78 7.08 21.56 -9.98
CA VAL B 78 5.92 21.38 -10.85
C VAL B 78 4.68 21.32 -9.96
N SER B 79 3.61 22.01 -10.38
CA SER B 79 2.39 22.10 -9.59
C SER B 79 1.22 21.52 -10.38
N LEU B 80 0.33 20.81 -9.68
CA LEU B 80 -0.89 20.24 -10.24
C LEU B 80 -2.08 20.76 -9.46
N SER B 81 -3.12 21.18 -10.18
CA SER B 81 -4.34 21.71 -9.58
CA SER B 81 -4.34 21.71 -9.58
C SER B 81 -5.54 20.94 -10.12
N VAL B 82 -6.38 20.46 -9.21
CA VAL B 82 -7.60 19.76 -9.56
C VAL B 82 -8.76 20.56 -8.98
N SER B 83 -9.58 21.14 -9.84
CA SER B 83 -10.67 22.00 -9.40
C SER B 83 -11.94 21.20 -9.16
N SER B 84 -12.72 21.66 -8.18
CA SER B 84 -14.02 21.08 -7.83
C SER B 84 -13.92 19.56 -7.66
N VAL B 85 -13.23 19.17 -6.59
CA VAL B 85 -12.94 17.75 -6.39
C VAL B 85 -14.19 17.03 -5.91
N THR B 86 -14.30 15.76 -6.29
CA THR B 86 -15.32 14.84 -5.83
C THR B 86 -14.64 13.70 -5.09
N THR B 87 -15.43 12.82 -4.48
CA THR B 87 -14.86 11.65 -3.84
C THR B 87 -14.21 10.72 -4.86
N GLU B 88 -14.52 10.88 -6.16
CA GLU B 88 -13.84 10.13 -7.21
C GLU B 88 -12.40 10.57 -7.40
N ASP B 89 -11.98 11.65 -6.74
CA ASP B 89 -10.63 12.19 -6.86
C ASP B 89 -9.73 11.78 -5.69
N SER B 90 -10.27 11.11 -4.68
CA SER B 90 -9.45 10.51 -3.64
C SER B 90 -8.56 9.43 -4.25
N ALA B 91 -7.25 9.58 -4.11
CA ALA B 91 -6.30 8.67 -4.73
C ALA B 91 -4.90 8.97 -4.20
N THR B 92 -3.95 8.11 -4.57
CA THR B 92 -2.54 8.39 -4.39
C THR B 92 -2.03 9.10 -5.65
N TYR B 93 -1.54 10.33 -5.48
CA TYR B 93 -1.09 11.14 -6.61
C TYR B 93 0.43 11.02 -6.74
N TYR B 94 0.89 10.61 -7.91
CA TYR B 94 2.31 10.40 -8.16
C TYR B 94 2.88 11.50 -9.04
N CYS B 95 4.07 11.97 -8.67
CA CYS B 95 4.88 12.79 -9.53
C CYS B 95 5.87 11.89 -10.28
N THR B 96 6.06 12.16 -11.57
CA THR B 96 6.89 11.30 -12.39
C THR B 96 7.78 12.14 -13.29
N THR B 97 8.95 11.59 -13.63
CA THR B 97 9.76 12.10 -14.73
C THR B 97 9.60 11.16 -15.91
N VAL B 98 9.19 11.72 -17.04
CA VAL B 98 9.02 10.91 -18.25
C VAL B 98 10.17 11.21 -19.20
N HIS B 99 10.53 10.19 -19.97
CA HIS B 99 11.63 10.28 -20.91
C HIS B 99 11.10 10.21 -22.35
N GLN B 100 11.89 10.75 -23.27
CA GLN B 100 11.54 10.78 -24.68
C GLN B 100 12.79 10.46 -25.47
N GLN B 101 12.85 9.25 -26.03
CA GLN B 101 14.00 8.80 -26.81
C GLN B 101 13.57 8.60 -28.25
N THR B 102 14.38 9.09 -29.19
CA THR B 102 14.02 9.03 -30.60
C THR B 102 14.38 7.66 -31.18
N ARG B 103 13.39 7.01 -31.78
CA ARG B 103 13.66 5.90 -32.67
C ARG B 103 13.82 6.36 -34.11
N ASN B 104 13.54 7.65 -34.38
CA ASN B 104 13.98 8.38 -35.56
C ASN B 104 13.55 7.73 -36.87
N LYS B 105 14.11 6.55 -37.18
CA LYS B 105 13.98 5.85 -38.46
C LYS B 105 12.66 6.10 -39.17
N VAL B 106 12.60 7.18 -39.95
CA VAL B 106 11.38 7.57 -40.64
C VAL B 106 11.62 7.60 -42.15
N TYR B 144 9.43 11.01 -37.59
CA TYR B 144 10.21 10.88 -36.36
C TYR B 144 9.49 10.00 -35.35
N THR B 145 9.82 8.71 -35.35
CA THR B 145 9.22 7.77 -34.39
C THR B 145 9.84 7.99 -33.01
N TYR B 146 9.01 8.43 -32.06
CA TYR B 146 9.44 8.69 -30.70
C TYR B 146 9.02 7.55 -29.78
N GLU B 147 9.41 7.64 -28.51
CA GLU B 147 9.08 6.63 -27.53
C GLU B 147 9.08 7.28 -26.15
N LEU B 148 7.95 7.18 -25.44
CA LEU B 148 7.80 7.79 -24.14
C LEU B 148 7.58 6.72 -23.07
N HIS B 149 8.12 6.96 -21.89
CA HIS B 149 7.91 6.08 -20.74
C HIS B 149 8.23 6.86 -19.48
N VAL B 150 7.70 6.35 -18.37
CA VAL B 150 7.98 6.94 -17.06
C VAL B 150 9.30 6.38 -16.56
N ASP B 151 10.25 7.26 -16.27
CA ASP B 151 11.56 6.81 -15.78
C ASP B 151 11.52 6.60 -14.27
N THR B 152 11.40 7.68 -13.51
CA THR B 152 11.37 7.62 -12.06
C THR B 152 9.98 8.01 -11.56
N TRP B 153 9.50 7.27 -10.56
CA TRP B 153 8.24 7.56 -9.89
C TRP B 153 8.49 8.18 -8.53
N GLY B 154 7.70 9.17 -8.18
CA GLY B 154 7.75 9.72 -6.84
C GLY B 154 7.19 8.74 -5.82
N GLN B 155 7.37 9.09 -4.54
CA GLN B 155 6.86 8.22 -3.48
C GLN B 155 5.34 8.16 -3.50
N GLY B 156 4.69 9.22 -3.92
CA GLY B 156 3.25 9.27 -3.94
C GLY B 156 2.69 9.97 -2.72
N LEU B 157 1.65 10.79 -2.92
CA LEU B 157 0.96 11.45 -1.82
C LEU B 157 -0.48 10.96 -1.80
N LEU B 158 -0.91 10.42 -0.66
CA LEU B 158 -2.27 9.94 -0.53
C LEU B 158 -3.20 11.11 -0.18
N VAL B 159 -4.22 11.32 -1.00
CA VAL B 159 -5.16 12.42 -0.85
C VAL B 159 -6.57 11.84 -0.68
N THR B 160 -7.29 12.34 0.32
CA THR B 160 -8.66 11.90 0.61
C THR B 160 -9.61 13.08 0.50
N VAL B 161 -10.68 12.91 -0.28
CA VAL B 161 -11.71 13.92 -0.42
C VAL B 161 -12.85 13.57 0.52
N SER B 162 -13.13 14.47 1.47
CA SER B 162 -14.13 14.21 2.48
C SER B 162 -14.42 15.50 3.25
N SER B 163 -15.61 15.55 3.85
CA SER B 163 -15.96 16.65 4.72
C SER B 163 -15.66 16.38 6.19
N ALA B 164 -15.32 15.14 6.53
CA ALA B 164 -14.96 14.80 7.90
C ALA B 164 -13.66 15.50 8.31
N SER B 165 -13.47 15.67 9.61
CA SER B 165 -12.35 16.42 10.12
C SER B 165 -11.16 15.52 10.43
N THR B 166 -9.96 16.08 10.30
CA THR B 166 -8.74 15.37 10.63
C THR B 166 -8.72 15.01 12.11
N LYS B 167 -8.25 13.80 12.42
CA LYS B 167 -8.18 13.35 13.80
C LYS B 167 -6.90 12.56 14.00
N GLY B 168 -6.06 13.03 14.91
CA GLY B 168 -4.84 12.34 15.26
C GLY B 168 -5.09 11.04 16.00
N PRO B 169 -4.14 10.12 15.95
CA PRO B 169 -4.36 8.78 16.49
C PRO B 169 -4.08 8.66 17.98
N SER B 170 -4.82 7.78 18.62
CA SER B 170 -4.52 7.31 19.96
C SER B 170 -3.69 6.03 19.84
N VAL B 171 -2.53 6.01 20.48
CA VAL B 171 -1.60 4.89 20.39
C VAL B 171 -1.54 4.19 21.74
N PHE B 172 -1.89 2.91 21.75
CA PHE B 172 -1.80 2.07 22.94
C PHE B 172 -0.85 0.89 22.68
N PRO B 173 -0.18 0.39 23.71
CA PRO B 173 0.74 -0.73 23.53
C PRO B 173 0.06 -2.09 23.63
N LEU B 174 0.53 -3.01 22.78
CA LEU B 174 0.15 -4.43 22.86
C LEU B 174 1.33 -5.15 23.52
N ALA B 175 1.27 -5.28 24.85
CA ALA B 175 2.41 -5.73 25.63
C ALA B 175 2.54 -7.25 25.59
N PRO B 176 3.77 -7.76 25.58
CA PRO B 176 3.97 -9.21 25.62
C PRO B 176 3.78 -9.75 27.03
N SER B 177 3.05 -10.86 27.12
CA SER B 177 2.82 -11.54 28.38
C SER B 177 3.28 -12.99 28.24
N SER B 178 3.01 -13.80 29.28
CA SER B 178 3.35 -15.21 29.23
C SER B 178 2.48 -15.98 28.25
N LYS B 179 1.51 -15.35 27.61
CA LYS B 179 0.70 -15.99 26.59
C LYS B 179 1.27 -15.77 25.19
N SER B 180 1.76 -14.57 24.91
CA SER B 180 2.22 -14.20 23.57
C SER B 180 3.64 -14.64 23.26
N THR B 181 4.26 -15.45 24.13
CA THR B 181 5.60 -15.96 23.88
C THR B 181 5.53 -17.28 23.13
N SER B 182 6.57 -17.54 22.34
CA SER B 182 6.73 -18.79 21.61
C SER B 182 8.03 -19.47 21.97
N GLY B 183 8.36 -19.49 23.27
CA GLY B 183 9.51 -20.20 23.77
C GLY B 183 10.82 -19.81 23.12
N GLY B 184 11.14 -18.51 23.13
CA GLY B 184 12.33 -18.04 22.47
C GLY B 184 12.09 -16.74 21.74
N THR B 185 10.97 -16.67 21.03
CA THR B 185 10.49 -15.45 20.43
C THR B 185 9.24 -14.97 21.15
N ALA B 186 9.09 -13.65 21.28
CA ALA B 186 7.92 -13.05 21.89
C ALA B 186 7.40 -11.96 20.97
N ALA B 187 6.08 -11.83 20.90
CA ALA B 187 5.42 -10.86 20.04
C ALA B 187 4.95 -9.67 20.85
N LEU B 188 5.25 -8.47 20.35
CA LEU B 188 4.76 -7.23 20.95
C LEU B 188 4.37 -6.29 19.82
N GLY B 189 3.65 -5.24 20.17
CA GLY B 189 3.22 -4.30 19.14
C GLY B 189 2.56 -3.08 19.73
N CYS B 190 1.99 -2.26 18.84
CA CYS B 190 1.27 -1.06 19.20
CA CYS B 190 1.24 -1.08 19.25
C CYS B 190 -0.04 -0.99 18.41
N LEU B 191 -1.06 -0.44 19.05
CA LEU B 191 -2.38 -0.27 18.45
C LEU B 191 -2.60 1.21 18.16
N VAL B 192 -2.83 1.53 16.89
CA VAL B 192 -3.06 2.90 16.44
C VAL B 192 -4.56 3.02 16.17
N LYS B 193 -5.28 3.69 17.06
CA LYS B 193 -6.73 3.63 17.11
C LYS B 193 -7.35 4.99 16.75
N ASP B 194 -8.45 4.93 15.99
CA ASP B 194 -9.30 6.09 15.71
C ASP B 194 -8.53 7.30 15.18
N TYR B 195 -8.17 7.27 13.90
CA TYR B 195 -7.52 8.40 13.25
C TYR B 195 -8.16 8.63 11.90
N PHE B 196 -7.99 9.84 11.37
CA PHE B 196 -8.49 10.19 10.05
C PHE B 196 -7.75 11.42 9.55
N PRO B 197 -7.36 11.47 8.26
CA PRO B 197 -7.53 10.34 7.33
C PRO B 197 -6.26 9.51 7.25
N GLU B 198 -6.23 8.56 6.31
CA GLU B 198 -5.03 7.81 6.03
C GLU B 198 -3.96 8.76 5.48
N PRO B 199 -2.67 8.37 5.55
CA PRO B 199 -2.11 7.14 6.12
C PRO B 199 -1.38 7.32 7.45
N VAL B 200 -1.09 6.20 8.11
CA VAL B 200 -0.28 6.17 9.33
C VAL B 200 0.90 5.24 9.05
N THR B 201 2.11 5.74 9.27
CA THR B 201 3.31 4.92 9.16
C THR B 201 3.85 4.64 10.56
N VAL B 202 4.39 3.44 10.74
CA VAL B 202 4.93 3.01 12.03
C VAL B 202 6.31 2.42 11.81
N SER B 203 7.27 2.84 12.61
CA SER B 203 8.59 2.23 12.68
C SER B 203 8.87 1.83 14.12
N TRP B 204 9.99 1.14 14.33
CA TRP B 204 10.35 0.65 15.65
C TRP B 204 11.76 1.11 15.98
N ASN B 205 11.93 1.66 17.19
CA ASN B 205 13.23 2.13 17.67
C ASN B 205 13.88 3.10 16.68
N SER B 206 13.06 4.02 16.17
CA SER B 206 13.52 5.04 15.23
C SER B 206 14.19 4.41 14.02
N CYS B 207 13.63 3.30 13.56
CA CYS B 207 14.00 2.53 12.38
C CYS B 207 15.22 1.64 12.62
N ALA B 208 15.77 1.60 13.84
CA ALA B 208 16.87 0.69 14.14
C ALA B 208 16.42 -0.77 14.18
N LEU B 209 15.13 -1.02 14.33
CA LEU B 209 14.58 -2.37 14.41
C LEU B 209 13.64 -2.56 13.23
N THR B 210 14.07 -3.37 12.26
CA THR B 210 13.26 -3.67 11.09
C THR B 210 13.01 -5.15 10.90
N SER B 211 13.93 -6.01 11.34
CA SER B 211 13.76 -7.45 11.18
C SER B 211 12.57 -7.93 12.00
N GLY B 212 11.66 -8.65 11.34
CA GLY B 212 10.53 -9.24 12.02
C GLY B 212 9.38 -8.30 12.29
N VAL B 213 9.31 -7.16 11.62
CA VAL B 213 8.26 -6.18 11.81
C VAL B 213 7.20 -6.38 10.73
N HIS B 214 5.93 -6.30 11.12
CA HIS B 214 4.84 -6.24 10.15
C HIS B 214 3.82 -5.22 10.61
N THR B 215 3.45 -4.31 9.71
CA THR B 215 2.41 -3.32 9.97
C THR B 215 1.20 -3.65 9.10
N PHE B 216 0.07 -3.93 9.74
CA PHE B 216 -1.13 -4.35 9.04
C PHE B 216 -1.79 -3.16 8.34
N PRO B 217 -2.57 -3.43 7.29
CA PRO B 217 -3.42 -2.37 6.72
C PRO B 217 -4.48 -1.93 7.73
N ALA B 218 -5.15 -0.84 7.41
CA ALA B 218 -6.10 -0.23 8.32
C ALA B 218 -7.50 -0.81 8.15
N VAL B 219 -8.27 -0.77 9.24
CA VAL B 219 -9.70 -1.07 9.21
C VAL B 219 -10.45 0.25 9.27
N LEU B 220 -11.56 0.31 8.53
CA LEU B 220 -12.44 1.47 8.55
C LEU B 220 -13.62 1.15 9.46
N GLN B 221 -13.62 1.73 10.66
CA GLN B 221 -14.67 1.45 11.61
C GLN B 221 -16.01 2.02 11.13
N SER B 222 -17.08 1.63 11.82
CA SER B 222 -18.41 2.16 11.52
C SER B 222 -18.47 3.66 11.71
N SER B 223 -17.71 4.20 12.66
CA SER B 223 -17.72 5.64 12.93
C SER B 223 -17.00 6.44 11.84
N GLY B 224 -16.35 5.79 10.89
CA GLY B 224 -15.60 6.48 9.86
C GLY B 224 -14.16 6.78 10.20
N LEU B 225 -13.62 6.17 11.25
CA LEU B 225 -12.25 6.35 11.68
C LEU B 225 -11.44 5.10 11.34
N TYR B 226 -10.13 5.29 11.15
CA TYR B 226 -9.23 4.20 10.78
C TYR B 226 -8.48 3.69 12.01
N SER B 227 -8.08 2.42 11.93
CA SER B 227 -7.24 1.81 12.96
C SER B 227 -6.33 0.78 12.31
N LEU B 228 -5.10 0.67 12.82
CA LEU B 228 -4.22 -0.40 12.39
C LEU B 228 -3.35 -0.83 13.56
N SER B 229 -2.58 -1.90 13.32
CA SER B 229 -1.65 -2.45 14.29
C SER B 229 -0.30 -2.68 13.62
N SER B 230 0.76 -2.49 14.40
CA SER B 230 2.10 -2.87 14.01
C SER B 230 2.63 -3.83 15.06
N VAL B 231 3.16 -4.95 14.61
CA VAL B 231 3.64 -6.00 15.50
C VAL B 231 5.08 -6.33 15.13
N VAL B 232 5.87 -6.75 16.11
CA VAL B 232 7.23 -7.19 15.87
C VAL B 232 7.54 -8.34 16.83
N THR B 233 8.17 -9.39 16.31
CA THR B 233 8.60 -10.52 17.13
C THR B 233 10.08 -10.35 17.47
N VAL B 234 10.39 -10.51 18.76
CA VAL B 234 11.74 -10.29 19.26
C VAL B 234 12.19 -11.52 20.03
N PRO B 235 13.48 -11.67 20.32
CA PRO B 235 13.90 -12.76 21.23
C PRO B 235 13.40 -12.53 22.64
N SER B 236 12.94 -13.61 23.28
CA SER B 236 12.38 -13.51 24.62
C SER B 236 13.43 -13.10 25.64
N SER B 237 14.70 -13.41 25.39
CA SER B 237 15.75 -13.08 26.34
C SER B 237 15.95 -11.57 26.46
N SER B 238 15.75 -10.84 25.36
CA SER B 238 16.03 -9.41 25.34
C SER B 238 14.94 -8.57 26.00
N LEU B 239 13.85 -9.19 26.48
CA LEU B 239 12.73 -8.41 26.96
C LEU B 239 13.10 -7.55 28.17
N GLY B 240 14.08 -7.99 28.96
CA GLY B 240 14.53 -7.22 30.09
C GLY B 240 15.76 -6.37 29.86
N THR B 241 16.38 -6.44 28.68
CA THR B 241 17.59 -5.69 28.37
C THR B 241 17.44 -4.72 27.22
N GLN B 242 16.39 -4.82 26.41
CA GLN B 242 16.24 -4.03 25.21
C GLN B 242 14.90 -3.32 25.26
N THR B 243 14.92 -1.99 25.27
CA THR B 243 13.68 -1.21 25.25
C THR B 243 13.14 -1.15 23.83
N TYR B 244 11.83 -1.30 23.71
CA TYR B 244 11.15 -1.28 22.41
C TYR B 244 10.16 -0.12 22.38
N ILE B 245 10.36 0.79 21.43
CA ILE B 245 9.55 1.99 21.30
C ILE B 245 8.99 2.04 19.89
N CYS B 246 7.66 2.09 19.77
CA CYS B 246 7.01 2.18 18.47
CA CYS B 246 6.99 2.17 18.48
C CYS B 246 6.75 3.63 18.12
N ASN B 247 7.16 4.03 16.92
CA ASN B 247 7.07 5.40 16.44
C ASN B 247 5.98 5.51 15.40
N VAL B 248 4.84 6.05 15.79
CA VAL B 248 3.72 6.26 14.90
C VAL B 248 3.79 7.67 14.34
N ASN B 249 3.58 7.80 13.03
CA ASN B 249 3.63 9.09 12.37
C ASN B 249 2.37 9.28 11.54
N HIS B 250 1.68 10.41 11.74
CA HIS B 250 0.42 10.72 11.07
C HIS B 250 0.54 12.12 10.46
N LYS B 251 1.15 12.19 9.28
CA LYS B 251 1.32 13.47 8.59
C LYS B 251 0.03 14.26 8.41
N PRO B 252 -1.12 13.64 8.05
CA PRO B 252 -2.35 14.43 7.86
C PRO B 252 -2.71 15.35 9.04
N SER B 253 -2.22 15.05 10.24
CA SER B 253 -2.43 15.91 11.39
C SER B 253 -1.13 16.42 12.00
N ASN B 254 0.01 16.20 11.33
CA ASN B 254 1.32 16.59 11.83
C ASN B 254 1.55 16.07 13.25
N THR B 255 1.21 14.81 13.46
CA THR B 255 1.31 14.17 14.76
C THR B 255 2.32 13.03 14.70
N LYS B 256 3.17 12.94 15.72
CA LYS B 256 4.12 11.85 15.85
C LYS B 256 4.07 11.35 17.29
N VAL B 257 3.95 10.03 17.46
CA VAL B 257 3.84 9.42 18.77
C VAL B 257 4.92 8.37 18.93
N ASP B 258 5.63 8.41 20.05
CA ASP B 258 6.62 7.41 20.42
C ASP B 258 6.11 6.70 21.68
N LYS B 259 5.46 5.55 21.49
CA LYS B 259 4.93 4.78 22.61
C LYS B 259 5.92 3.69 22.99
N ARG B 260 6.24 3.60 24.27
CA ARG B 260 7.11 2.55 24.79
C ARG B 260 6.26 1.33 25.15
N VAL B 261 6.76 0.14 24.80
CA VAL B 261 6.03 -1.11 25.01
C VAL B 261 6.82 -1.92 26.03
N GLU B 262 6.40 -1.85 27.29
CA GLU B 262 6.98 -2.57 28.42
C GLU B 262 6.23 -3.89 28.65
N PRO B 263 6.94 -4.95 29.03
CA PRO B 263 6.27 -6.24 29.22
C PRO B 263 5.38 -6.23 30.45
N LYS B 264 4.33 -7.05 30.39
CA LYS B 264 3.42 -7.19 31.52
C LYS B 264 4.10 -7.96 32.64
N SER B 265 4.13 -7.36 33.83
CA SER B 265 4.76 -7.95 35.00
C SER B 265 4.18 -9.33 35.34
#